data_4PCB
#
_entry.id   4PCB
#
_cell.length_a   148.690
_cell.length_b   148.690
_cell.length_c   77.810
_cell.angle_alpha   90.00
_cell.angle_beta   90.00
_cell.angle_gamma   120.00
#
_symmetry.space_group_name_H-M   'P 65'
#
loop_
_entity.id
_entity.type
_entity.pdbx_description
1 polymer TrwC
2 polymer "DNA 5'-D(P*GP*CP*AP*CP*CP*GP*AP*AP*GP*GP*TP*GP*CP*GP*TP*AP*TP*TP*CP*TP*TP*GP - 3')"
3 non-polymer 'PHOSPHATE ION'
4 water water
#
loop_
_entity_poly.entity_id
_entity_poly.type
_entity_poly.pdbx_seq_one_letter_code
_entity_poly.pdbx_strand_id
1 'polypeptide(L)'
;MLSHMVLTRQDIGRAASYYEDGADDYYAKDGDASEWQGKGAEELGLSGEVDSKRFRELLAGNIGEGHRIMRSATRQDSKE
RIGLDLTFSAPKSVSLQALVAGDAEIIKAHDRAVARTLEQAEARAQARQKIQGKTRIETTGNLVIGKFRHETSRERDPQL
HTHAVILNMTKRSDGQWRALKNDEIVKATRYLGAVYNAELAHELQKLGYQLRYGKDGNFDLAHIDRQQIEGFSKRTEQIA
EWYAARGLDPNSVSLEQKQAAKVLSRAKKTSVDREALRAEWQATAKELGIDFS
;
A,C
2 'polydeoxyribonucleotide'
;(DG)(DC)(DA)(DC)(DC)(DG)(DA)(DA)(DA)(DG)(DG)(DT)(DG)(DC)(DG)(DT)(DA)(DT)(DT)(DC)
(DT)(DT)(DG)(DG)
;
B,D
#
loop_
_chem_comp.id
_chem_comp.type
_chem_comp.name
_chem_comp.formula
DA DNA linking 2'-DEOXYADENOSINE-5'-MONOPHOSPHATE 'C10 H14 N5 O6 P'
DC DNA linking 2'-DEOXYCYTIDINE-5'-MONOPHOSPHATE 'C9 H14 N3 O7 P'
DG DNA linking 2'-DEOXYGUANOSINE-5'-MONOPHOSPHATE 'C10 H14 N5 O7 P'
DT DNA linking THYMIDINE-5'-MONOPHOSPHATE 'C10 H15 N2 O8 P'
PO4 non-polymer 'PHOSPHATE ION' 'O4 P -3'
#
# COMPACT_ATOMS: atom_id res chain seq x y z
N MET A 1 -2.57 -6.76 8.22
CA MET A 1 -3.62 -7.18 7.31
C MET A 1 -4.87 -6.34 7.49
N LEU A 2 -5.57 -6.03 6.40
CA LEU A 2 -6.91 -5.42 6.48
C LEU A 2 -7.95 -6.41 5.99
N SER A 3 -8.72 -6.99 6.91
CA SER A 3 -9.81 -7.89 6.53
C SER A 3 -11.10 -7.13 6.46
N HIS A 4 -11.87 -7.30 5.39
CA HIS A 4 -13.11 -6.57 5.25
C HIS A 4 -14.35 -7.44 5.11
N MET A 5 -15.49 -6.88 5.50
CA MET A 5 -16.76 -7.54 5.24
C MET A 5 -17.94 -6.61 5.40
N VAL A 6 -18.69 -6.50 4.31
CA VAL A 6 -19.89 -5.71 4.27
C VAL A 6 -20.96 -6.37 5.15
N LEU A 7 -21.48 -5.64 6.14
CA LEU A 7 -22.34 -6.24 7.16
C LEU A 7 -23.85 -6.11 6.92
N THR A 8 -24.56 -7.23 6.98
CA THR A 8 -26.01 -7.35 6.76
C THR A 8 -26.85 -7.59 8.04
N ARG A 9 -28.15 -7.81 7.84
CA ARG A 9 -29.10 -8.15 8.91
C ARG A 9 -28.75 -9.42 9.68
N GLN A 10 -28.19 -10.40 8.97
CA GLN A 10 -27.90 -11.73 9.54
C GLN A 10 -26.85 -11.65 10.59
N ASP A 11 -26.11 -10.56 10.59
CA ASP A 11 -24.90 -10.45 11.38
C ASP A 11 -25.04 -9.53 12.60
N ILE A 12 -26.22 -8.94 12.76
CA ILE A 12 -26.40 -7.87 13.74
C ILE A 12 -26.02 -8.29 15.17
N GLY A 13 -26.20 -9.56 15.48
CA GLY A 13 -25.76 -10.08 16.77
C GLY A 13 -24.25 -10.13 16.86
N ARG A 14 -23.63 -10.82 15.90
CA ARG A 14 -22.17 -10.92 15.87
C ARG A 14 -21.55 -9.54 15.71
N ALA A 15 -22.31 -8.61 15.14
CA ALA A 15 -21.87 -7.24 14.98
C ALA A 15 -21.88 -6.52 16.32
N ALA A 16 -22.80 -6.92 17.20
CA ALA A 16 -22.89 -6.33 18.52
C ALA A 16 -21.99 -7.08 19.50
N SER A 17 -21.68 -8.33 19.14
CA SER A 17 -20.78 -9.14 19.94
C SER A 17 -19.35 -8.62 19.80
N TYR A 18 -19.23 -7.37 19.39
CA TYR A 18 -17.93 -6.76 19.18
C TYR A 18 -17.50 -5.84 20.32
N TYR A 19 -18.24 -5.89 21.44
CA TYR A 19 -17.87 -5.06 22.59
C TYR A 19 -16.88 -5.78 23.52
N ALA A 33 -10.65 0.67 24.53
CA ALA A 33 -11.26 -0.63 24.22
C ALA A 33 -12.24 -0.48 23.07
N SER A 34 -13.11 0.51 23.20
CA SER A 34 -14.12 0.81 22.19
C SER A 34 -14.15 2.32 22.05
N GLU A 35 -14.16 2.83 20.82
CA GLU A 35 -14.20 4.26 20.58
C GLU A 35 -14.98 4.61 19.33
N TRP A 36 -15.51 5.82 19.29
CA TRP A 36 -16.08 6.39 18.07
C TRP A 36 -14.98 7.11 17.32
N GLN A 37 -15.14 7.20 16.01
CA GLN A 37 -14.25 8.02 15.20
C GLN A 37 -15.05 8.48 14.02
N GLY A 38 -14.68 9.61 13.44
CA GLY A 38 -15.33 10.07 12.23
C GLY A 38 -15.90 11.46 12.30
N LYS A 39 -16.04 12.08 11.13
CA LYS A 39 -16.80 13.32 11.00
C LYS A 39 -18.31 13.07 11.03
N GLY A 40 -18.72 11.87 10.58
CA GLY A 40 -20.11 11.45 10.63
C GLY A 40 -20.56 11.14 12.05
N ALA A 41 -19.62 10.65 12.86
CA ALA A 41 -19.87 10.37 14.28
C ALA A 41 -19.86 11.61 15.15
N GLU A 42 -18.93 12.52 14.88
CA GLU A 42 -18.85 13.75 15.66
C GLU A 42 -20.03 14.67 15.42
N GLU A 43 -20.59 14.62 14.22
CA GLU A 43 -21.73 15.49 13.95
C GLU A 43 -23.00 14.96 14.59
N LEU A 44 -23.03 13.66 14.84
CA LEU A 44 -24.17 13.06 15.53
C LEU A 44 -23.93 13.07 17.04
N GLY A 45 -22.85 13.71 17.43
CA GLY A 45 -22.53 13.89 18.84
C GLY A 45 -21.95 12.67 19.51
N LEU A 46 -21.37 11.78 18.74
CA LEU A 46 -20.80 10.57 19.31
C LEU A 46 -19.29 10.73 19.50
N SER A 47 -18.88 10.86 20.76
CA SER A 47 -17.48 11.05 21.13
C SER A 47 -17.15 10.17 22.35
N GLY A 48 -15.96 9.60 22.35
CA GLY A 48 -15.53 8.72 23.43
C GLY A 48 -15.94 7.27 23.21
N GLU A 49 -16.21 6.53 24.28
CA GLU A 49 -16.45 5.09 24.13
C GLU A 49 -17.77 4.77 23.49
N VAL A 50 -17.93 3.52 23.06
CA VAL A 50 -19.13 3.12 22.32
C VAL A 50 -20.18 2.56 23.26
N ASP A 51 -21.40 3.05 23.08
CA ASP A 51 -22.56 2.55 23.78
C ASP A 51 -23.21 1.44 22.99
N SER A 52 -23.35 0.27 23.62
CA SER A 52 -23.88 -0.90 22.95
C SER A 52 -25.33 -0.73 22.47
N LYS A 53 -26.17 -0.07 23.26
CA LYS A 53 -27.54 0.18 22.86
C LYS A 53 -27.58 1.16 21.67
N ARG A 54 -26.86 2.26 21.77
CA ARG A 54 -26.82 3.29 20.71
C ARG A 54 -26.07 2.83 19.43
N PHE A 55 -25.09 1.94 19.56
CA PHE A 55 -24.40 1.40 18.39
C PHE A 55 -25.31 0.49 17.58
N ARG A 56 -26.14 -0.30 18.25
CA ARG A 56 -27.11 -1.17 17.58
C ARG A 56 -28.26 -0.37 16.99
N GLU A 57 -28.56 0.76 17.63
CA GLU A 57 -29.53 1.66 17.05
C GLU A 57 -28.98 2.21 15.74
N LEU A 58 -27.69 2.52 15.73
CA LEU A 58 -27.10 3.08 14.54
C LEU A 58 -26.93 2.08 13.43
N LEU A 59 -26.75 0.81 13.79
CA LEU A 59 -26.71 -0.27 12.80
C LEU A 59 -28.02 -0.45 12.08
N ALA A 60 -29.09 -0.39 12.88
CA ALA A 60 -30.43 -0.66 12.44
C ALA A 60 -31.00 0.48 11.61
N GLY A 61 -30.43 1.67 11.74
CA GLY A 61 -30.86 2.81 10.95
C GLY A 61 -31.39 3.90 11.83
N ASN A 62 -31.55 3.58 13.10
CA ASN A 62 -32.04 4.56 14.06
C ASN A 62 -30.87 5.49 14.46
N ILE A 63 -30.87 6.68 13.85
CA ILE A 63 -29.88 7.71 14.13
C ILE A 63 -30.32 8.45 15.39
N GLY A 64 -31.63 8.63 15.52
CA GLY A 64 -32.17 9.44 16.60
C GLY A 64 -32.15 10.90 16.20
N GLU A 65 -31.76 11.76 17.14
CA GLU A 65 -31.69 13.20 16.88
C GLU A 65 -32.86 13.71 16.05
N GLY A 66 -34.00 13.04 16.18
CA GLY A 66 -35.22 13.45 15.51
C GLY A 66 -35.17 13.44 13.99
N HIS A 67 -34.75 12.32 13.42
CA HIS A 67 -34.76 12.16 11.97
C HIS A 67 -35.32 10.78 11.66
N ARG A 68 -35.76 10.60 10.42
CA ARG A 68 -36.38 9.38 9.96
C ARG A 68 -35.39 8.18 9.99
N ILE A 69 -35.86 7.01 9.60
CA ILE A 69 -35.05 5.82 9.59
C ILE A 69 -34.51 5.67 8.20
N MET A 70 -33.22 5.36 8.09
CA MET A 70 -32.54 5.32 6.81
C MET A 70 -32.82 4.04 6.03
N ARG A 71 -32.50 4.08 4.73
CA ARG A 71 -32.54 2.91 3.89
C ARG A 71 -33.99 2.39 3.80
N SER A 72 -34.93 3.32 3.75
CA SER A 72 -36.33 3.00 3.55
C SER A 72 -36.57 2.50 2.14
N ALA A 73 -35.79 3.05 1.20
CA ALA A 73 -35.95 2.77 -0.23
C ALA A 73 -35.17 1.52 -0.64
N THR A 74 -34.90 0.64 0.31
CA THR A 74 -34.23 -0.62 0.04
C THR A 74 -35.24 -1.66 -0.44
N ARG A 75 -34.87 -2.45 -1.44
CA ARG A 75 -35.74 -3.52 -1.95
C ARG A 75 -35.78 -4.77 -1.03
N GLN A 76 -36.95 -5.41 -0.91
CA GLN A 76 -37.14 -6.46 0.10
C GLN A 76 -36.59 -7.83 -0.29
N ASP A 77 -36.49 -8.10 -1.58
CA ASP A 77 -35.78 -9.31 -1.99
C ASP A 77 -34.33 -9.31 -1.46
N SER A 78 -33.82 -8.12 -1.22
CA SER A 78 -32.42 -7.91 -0.91
C SER A 78 -32.15 -7.90 0.58
N LYS A 79 -30.87 -8.05 0.93
CA LYS A 79 -30.35 -7.91 2.30
C LYS A 79 -30.08 -6.46 2.71
N GLU A 80 -30.66 -6.04 3.83
CA GLU A 80 -30.35 -4.76 4.47
C GLU A 80 -28.94 -4.76 5.02
N ARG A 81 -28.00 -4.06 4.39
CA ARG A 81 -26.64 -4.10 4.92
C ARG A 81 -26.46 -2.97 5.94
N ILE A 82 -26.04 -3.36 7.14
CA ILE A 82 -25.95 -2.46 8.27
C ILE A 82 -24.64 -1.71 8.40
N GLY A 83 -23.68 -2.00 7.53
CA GLY A 83 -22.40 -1.30 7.53
C GLY A 83 -21.27 -2.08 6.92
N LEU A 84 -20.04 -1.64 7.17
CA LEU A 84 -18.83 -2.32 6.69
C LEU A 84 -17.85 -2.53 7.85
N ASP A 85 -17.36 -3.76 7.98
CA ASP A 85 -16.40 -4.11 9.01
C ASP A 85 -15.00 -4.03 8.40
N LEU A 86 -14.21 -3.03 8.81
CA LEU A 86 -12.80 -2.96 8.40
C LEU A 86 -11.96 -3.40 9.58
N THR A 87 -11.50 -4.65 9.52
CA THR A 87 -10.73 -5.23 10.61
C THR A 87 -9.23 -5.03 10.35
N PHE A 88 -8.54 -4.33 11.25
CA PHE A 88 -7.11 -4.08 11.08
C PHE A 88 -6.27 -5.04 11.88
N SER A 89 -5.85 -6.10 11.20
CA SER A 89 -5.19 -7.18 11.89
C SER A 89 -3.67 -6.97 11.87
N ALA A 90 -3.10 -6.93 13.07
CA ALA A 90 -1.70 -6.69 13.27
C ALA A 90 -0.87 -7.96 13.19
N PRO A 91 0.36 -7.84 12.64
CA PRO A 91 1.25 -9.00 12.49
C PRO A 91 1.45 -9.77 13.79
N LYS A 92 1.81 -11.04 13.74
CA LYS A 92 1.91 -11.81 14.97
C LYS A 92 2.91 -11.24 15.98
N SER A 93 4.12 -10.96 15.54
CA SER A 93 5.20 -10.50 16.43
C SER A 93 4.79 -9.25 17.17
N VAL A 94 3.95 -8.45 16.53
CA VAL A 94 3.47 -7.25 17.18
C VAL A 94 2.44 -7.64 18.24
N SER A 95 1.65 -8.67 18.01
CA SER A 95 0.66 -9.05 19.03
C SER A 95 1.34 -9.56 20.30
N LEU A 96 2.43 -10.30 20.14
CA LEU A 96 3.15 -10.93 21.23
C LEU A 96 3.87 -9.91 22.14
N GLN A 97 4.47 -8.90 21.54
CA GLN A 97 5.17 -7.88 22.31
C GLN A 97 4.16 -6.99 23.04
N ALA A 98 2.93 -7.00 22.53
CA ALA A 98 1.89 -6.17 23.13
C ALA A 98 1.08 -6.95 24.14
N LEU A 99 0.82 -8.22 23.85
CA LEU A 99 -0.05 -8.98 24.71
C LEU A 99 0.76 -9.89 25.60
N VAL A 100 1.79 -10.53 25.06
CA VAL A 100 2.61 -11.40 25.91
C VAL A 100 3.63 -10.61 26.76
N ALA A 101 4.36 -9.68 26.15
CA ALA A 101 5.28 -8.85 26.94
C ALA A 101 4.49 -7.86 27.74
N GLY A 102 3.46 -7.29 27.11
CA GLY A 102 2.57 -6.36 27.76
C GLY A 102 3.09 -4.97 27.57
N ASP A 103 3.08 -4.51 26.33
CA ASP A 103 3.63 -3.20 26.06
C ASP A 103 2.48 -2.35 25.59
N ALA A 104 2.18 -1.29 26.33
CA ALA A 104 1.05 -0.44 26.00
C ALA A 104 1.36 0.40 24.78
N GLU A 105 2.64 0.65 24.56
CA GLU A 105 3.08 1.51 23.50
C GLU A 105 2.79 0.90 22.15
N ILE A 106 2.88 -0.41 22.07
CA ILE A 106 2.57 -1.09 20.84
C ILE A 106 1.07 -1.16 20.66
N ILE A 107 0.36 -1.30 21.77
CA ILE A 107 -1.09 -1.24 21.69
C ILE A 107 -1.48 0.15 21.19
N LYS A 108 -0.82 1.17 21.70
CA LYS A 108 -1.17 2.52 21.33
C LYS A 108 -0.70 2.86 19.92
N ALA A 109 0.40 2.23 19.48
CA ALA A 109 0.88 2.46 18.11
C ALA A 109 -0.09 1.90 17.12
N HIS A 110 -0.67 0.76 17.46
CA HIS A 110 -1.58 0.04 16.57
C HIS A 110 -2.91 0.75 16.35
N ASP A 111 -3.40 1.41 17.39
CA ASP A 111 -4.63 2.18 17.28
C ASP A 111 -4.45 3.35 16.32
N ARG A 112 -3.27 3.95 16.31
CA ARG A 112 -3.01 5.10 15.43
C ARG A 112 -2.91 4.66 13.96
N ALA A 113 -2.45 3.45 13.74
CA ALA A 113 -2.34 2.95 12.39
C ALA A 113 -3.73 2.77 11.80
N VAL A 114 -4.63 2.36 12.68
CA VAL A 114 -6.02 2.15 12.35
C VAL A 114 -6.68 3.50 12.09
N ALA A 115 -6.49 4.42 13.03
CA ALA A 115 -7.14 5.73 12.99
C ALA A 115 -6.68 6.58 11.79
N ARG A 116 -5.40 6.51 11.46
CA ARG A 116 -4.89 7.27 10.32
C ARG A 116 -5.26 6.60 9.03
N THR A 117 -5.46 5.29 9.03
CA THR A 117 -5.92 4.60 7.81
C THR A 117 -7.37 4.91 7.52
N LEU A 118 -8.19 4.90 8.57
CA LEU A 118 -9.62 5.15 8.46
C LEU A 118 -9.94 6.58 8.06
N GLU A 119 -9.02 7.51 8.31
CA GLU A 119 -9.16 8.91 7.85
C GLU A 119 -9.11 9.00 6.32
N GLN A 120 -8.29 8.13 5.70
CA GLN A 120 -8.21 8.06 4.24
C GLN A 120 -9.38 7.32 3.68
N ALA A 121 -9.91 6.38 4.46
CA ALA A 121 -11.13 5.71 4.10
C ALA A 121 -12.24 6.73 4.18
N GLU A 122 -12.15 7.61 5.18
CA GLU A 122 -13.18 8.60 5.39
C GLU A 122 -13.18 9.59 4.24
N ALA A 123 -11.99 9.96 3.79
CA ALA A 123 -11.87 10.87 2.66
C ALA A 123 -12.47 10.28 1.39
N ARG A 124 -12.66 8.96 1.37
CA ARG A 124 -13.20 8.26 0.22
C ARG A 124 -14.67 7.91 0.37
N ALA A 125 -15.39 8.63 1.26
CA ALA A 125 -16.83 8.43 1.45
C ALA A 125 -17.74 9.16 0.46
N GLN A 126 -18.68 8.42 -0.15
CA GLN A 126 -19.61 8.94 -1.14
C GLN A 126 -21.06 8.52 -0.91
N ALA A 127 -21.99 9.25 -1.55
CA ALA A 127 -23.40 8.90 -1.51
C ALA A 127 -24.08 9.44 -2.76
N ARG A 128 -25.28 8.95 -3.07
CA ARG A 128 -25.94 9.27 -4.34
C ARG A 128 -27.12 10.24 -4.18
N GLN A 129 -27.20 11.26 -5.03
CA GLN A 129 -28.34 12.17 -4.97
C GLN A 129 -29.04 12.26 -6.33
N LYS A 130 -30.33 11.97 -6.33
CA LYS A 130 -31.15 12.05 -7.54
C LYS A 130 -31.76 13.44 -7.63
N ILE A 131 -31.52 14.14 -8.73
CA ILE A 131 -32.20 15.41 -8.93
C ILE A 131 -32.86 15.42 -10.31
N GLN A 132 -34.19 15.41 -10.33
CA GLN A 132 -34.99 15.21 -11.54
C GLN A 132 -34.58 13.99 -12.36
N GLY A 133 -34.64 12.82 -11.72
CA GLY A 133 -34.44 11.53 -12.38
C GLY A 133 -33.03 11.18 -12.82
N LYS A 134 -32.05 12.03 -12.46
CA LYS A 134 -30.66 11.78 -12.85
C LYS A 134 -29.75 11.74 -11.64
N THR A 135 -29.20 10.57 -11.36
CA THR A 135 -28.37 10.36 -10.18
C THR A 135 -27.03 11.07 -10.28
N ARG A 136 -26.60 11.60 -9.13
CA ARG A 136 -25.29 12.21 -9.00
C ARG A 136 -24.51 11.57 -7.84
N ILE A 137 -23.23 11.32 -8.11
CA ILE A 137 -22.32 10.78 -7.10
C ILE A 137 -21.66 11.95 -6.42
N GLU A 138 -21.61 11.91 -5.11
CA GLU A 138 -21.05 13.00 -4.34
C GLU A 138 -20.15 12.43 -3.26
N THR A 139 -18.94 12.95 -3.16
CA THR A 139 -18.01 12.53 -2.11
C THR A 139 -18.27 13.37 -0.88
N THR A 140 -18.70 12.70 0.18
CA THR A 140 -19.12 13.36 1.41
C THR A 140 -17.99 13.49 2.40
N GLY A 141 -17.19 12.44 2.51
CA GLY A 141 -16.01 12.58 3.33
C GLY A 141 -16.44 12.68 4.76
N ASN A 142 -17.44 11.88 5.14
CA ASN A 142 -17.77 11.73 6.55
C ASN A 142 -18.27 10.32 6.81
N LEU A 143 -17.78 9.74 7.90
CA LEU A 143 -18.12 8.38 8.27
C LEU A 143 -18.44 8.24 9.77
N VAL A 144 -19.28 7.25 10.06
CA VAL A 144 -19.69 6.93 11.41
C VAL A 144 -19.13 5.57 11.73
N ILE A 145 -18.04 5.54 12.49
CA ILE A 145 -17.30 4.32 12.73
C ILE A 145 -17.25 3.92 14.20
N GLY A 146 -17.53 2.65 14.47
CA GLY A 146 -17.38 2.05 15.79
C GLY A 146 -16.18 1.13 15.78
N LYS A 147 -15.17 1.49 16.56
CA LYS A 147 -13.94 0.73 16.59
C LYS A 147 -13.83 -0.11 17.83
N PHE A 148 -13.49 -1.39 17.67
CA PHE A 148 -13.39 -2.27 18.80
C PHE A 148 -12.11 -3.09 18.82
N ARG A 149 -11.27 -2.86 19.83
CA ARG A 149 -9.98 -3.53 19.95
C ARG A 149 -10.13 -4.91 20.59
N HIS A 150 -9.67 -5.92 19.86
CA HIS A 150 -9.73 -7.28 20.35
C HIS A 150 -8.32 -7.82 20.42
N GLU A 151 -8.10 -8.79 21.30
CA GLU A 151 -6.76 -9.19 21.59
C GLU A 151 -6.49 -10.68 21.30
N THR A 152 -7.54 -11.43 21.01
CA THR A 152 -7.37 -12.86 20.77
C THR A 152 -7.94 -13.33 19.43
N SER A 153 -7.73 -14.61 19.13
CA SER A 153 -8.30 -15.22 17.93
C SER A 153 -9.04 -16.51 18.30
N ARG A 154 -9.45 -17.26 17.28
CA ARG A 154 -10.21 -18.49 17.49
C ARG A 154 -9.46 -19.52 18.32
N GLU A 155 -8.16 -19.67 18.06
CA GLU A 155 -7.36 -20.65 18.76
C GLU A 155 -6.70 -19.93 19.93
N ARG A 156 -7.30 -18.78 20.24
CA ARG A 156 -6.88 -17.83 21.27
C ARG A 156 -5.37 -17.58 21.33
N ASP A 157 -4.81 -17.33 20.16
CA ASP A 157 -3.44 -16.88 20.06
C ASP A 157 -3.45 -15.38 20.23
N PRO A 158 -2.42 -14.81 20.85
CA PRO A 158 -2.37 -13.35 20.94
C PRO A 158 -2.52 -12.77 19.55
N GLN A 159 -3.69 -12.20 19.26
CA GLN A 159 -3.96 -11.65 17.94
C GLN A 159 -4.64 -10.29 18.00
N LEU A 160 -3.84 -9.24 17.99
CA LEU A 160 -4.35 -7.88 17.96
C LEU A 160 -5.03 -7.57 16.65
N HIS A 161 -6.28 -7.15 16.74
CA HIS A 161 -7.10 -6.79 15.60
C HIS A 161 -8.20 -5.83 16.04
N THR A 162 -8.56 -4.89 15.16
CA THR A 162 -9.56 -3.89 15.53
C THR A 162 -10.70 -3.84 14.55
N HIS A 163 -11.93 -3.94 15.04
CA HIS A 163 -13.11 -3.88 14.17
C HIS A 163 -13.60 -2.46 13.90
N ALA A 164 -13.33 -1.95 12.71
CA ALA A 164 -13.84 -0.65 12.33
C ALA A 164 -15.20 -0.79 11.65
N VAL A 165 -16.26 -0.75 12.45
CA VAL A 165 -17.61 -0.85 11.92
C VAL A 165 -18.04 0.50 11.34
N ILE A 166 -17.97 0.62 10.03
CA ILE A 166 -18.39 1.82 9.34
C ILE A 166 -19.88 1.76 9.09
N LEU A 167 -20.64 2.64 9.72
CA LEU A 167 -22.08 2.54 9.62
C LEU A 167 -22.52 3.00 8.27
N ASN A 168 -23.57 2.37 7.76
CA ASN A 168 -24.04 2.65 6.42
C ASN A 168 -24.83 3.94 6.38
N MET A 169 -24.11 5.02 6.64
CA MET A 169 -24.67 6.37 6.66
C MET A 169 -23.58 7.38 6.43
N THR A 170 -23.93 8.43 5.70
CA THR A 170 -23.04 9.55 5.54
C THR A 170 -23.95 10.74 5.28
N LYS A 171 -23.57 11.90 5.78
CA LYS A 171 -24.37 13.12 5.64
C LYS A 171 -24.00 13.82 4.36
N ARG A 172 -24.97 14.22 3.55
CA ARG A 172 -24.61 14.92 2.32
C ARG A 172 -24.50 16.42 2.52
N SER A 173 -24.40 17.14 1.41
CA SER A 173 -24.16 18.58 1.46
C SER A 173 -25.47 19.34 1.66
N ASP A 174 -26.58 18.65 1.43
CA ASP A 174 -27.91 19.21 1.69
C ASP A 174 -28.34 19.00 3.14
N GLY A 175 -27.54 18.27 3.91
CA GLY A 175 -27.78 18.04 5.34
C GLY A 175 -28.46 16.71 5.63
N GLN A 176 -28.59 15.87 4.60
CA GLN A 176 -29.33 14.61 4.69
C GLN A 176 -28.45 13.43 5.01
N TRP A 177 -29.04 12.44 5.67
CA TRP A 177 -28.35 11.20 5.93
C TRP A 177 -28.81 10.15 4.93
N ARG A 178 -27.93 9.85 3.96
CA ARG A 178 -28.19 8.86 2.93
C ARG A 178 -27.21 7.72 3.12
N ALA A 179 -27.51 6.56 2.54
CA ALA A 179 -26.60 5.42 2.64
C ALA A 179 -25.28 5.72 1.92
N LEU A 180 -24.18 5.22 2.47
CA LEU A 180 -22.87 5.47 1.90
C LEU A 180 -22.76 4.73 0.58
N LYS A 181 -22.14 5.37 -0.42
CA LYS A 181 -21.72 4.67 -1.63
C LYS A 181 -20.44 3.94 -1.29
N ASN A 182 -20.53 2.62 -1.32
CA ASN A 182 -19.55 1.71 -0.78
C ASN A 182 -18.29 1.46 -1.62
N ASP A 183 -18.44 1.64 -2.93
CA ASP A 183 -17.43 1.26 -3.92
C ASP A 183 -15.97 1.67 -3.61
N GLU A 184 -15.71 2.97 -3.62
CA GLU A 184 -14.33 3.49 -3.59
C GLU A 184 -13.62 3.20 -2.30
N ILE A 185 -14.32 2.56 -1.37
CA ILE A 185 -13.70 2.10 -0.13
C ILE A 185 -13.39 0.62 -0.28
N VAL A 186 -14.33 -0.10 -0.90
CA VAL A 186 -14.20 -1.54 -1.10
C VAL A 186 -13.05 -1.84 -2.04
N LYS A 187 -12.96 -1.04 -3.10
CA LYS A 187 -11.95 -1.24 -4.12
C LYS A 187 -10.64 -0.54 -3.77
N ALA A 188 -10.49 -0.19 -2.50
CA ALA A 188 -9.27 0.43 -2.00
C ALA A 188 -8.76 -0.28 -0.75
N THR A 189 -9.26 -1.50 -0.54
CA THR A 189 -8.88 -2.30 0.62
C THR A 189 -7.41 -2.73 0.54
N ARG A 190 -6.95 -2.95 -0.69
CA ARG A 190 -5.59 -3.35 -0.96
C ARG A 190 -4.64 -2.21 -0.58
N TYR A 191 -5.06 -0.99 -0.84
CA TYR A 191 -4.27 0.21 -0.54
C TYR A 191 -4.24 0.46 0.96
N LEU A 192 -5.44 0.49 1.56
CA LEU A 192 -5.60 0.76 2.98
C LEU A 192 -4.93 -0.31 3.84
N GLY A 193 -4.79 -1.50 3.31
CA GLY A 193 -4.05 -2.50 4.06
C GLY A 193 -2.60 -2.11 4.22
N ALA A 194 -2.04 -1.41 3.24
CA ALA A 194 -0.66 -0.97 3.36
C ALA A 194 -0.57 0.27 4.20
N VAL A 195 -1.59 1.12 4.09
CA VAL A 195 -1.53 2.38 4.81
C VAL A 195 -1.47 1.99 6.27
N TYR A 196 -2.23 0.98 6.66
CA TYR A 196 -2.10 0.44 8.02
C TYR A 196 -0.69 -0.17 8.21
N ASN A 197 -0.18 -0.91 7.23
CA ASN A 197 1.20 -1.45 7.30
C ASN A 197 2.24 -0.34 7.49
N ALA A 198 2.15 0.69 6.66
CA ALA A 198 3.14 1.77 6.65
C ALA A 198 3.09 2.64 7.91
N GLU A 199 1.90 2.89 8.44
CA GLU A 199 1.77 3.73 9.64
C GLU A 199 2.32 2.97 10.84
N LEU A 200 1.92 1.70 10.98
CA LEU A 200 2.35 0.87 12.11
C LEU A 200 3.85 0.60 12.10
N ALA A 201 4.40 0.42 10.92
CA ALA A 201 5.85 0.23 10.77
C ALA A 201 6.56 1.50 11.23
N HIS A 202 6.05 2.66 10.84
CA HIS A 202 6.64 3.94 11.24
C HIS A 202 6.63 4.13 12.75
N GLU A 203 5.52 3.72 13.37
CA GLU A 203 5.37 3.91 14.79
C GLU A 203 6.29 2.98 15.55
N LEU A 204 6.37 1.71 15.15
CA LEU A 204 7.28 0.80 15.83
C LEU A 204 8.72 1.21 15.65
N GLN A 205 9.02 1.75 14.47
CA GLN A 205 10.39 2.16 14.22
C GLN A 205 10.78 3.28 15.18
N LYS A 206 9.83 4.11 15.58
CA LYS A 206 10.13 5.19 16.53
C LYS A 206 10.24 4.79 18.00
N LEU A 207 9.67 3.66 18.35
CA LEU A 207 9.78 3.03 19.69
C LEU A 207 11.10 2.29 19.89
N GLY A 208 11.93 2.25 18.85
CA GLY A 208 13.24 1.67 18.96
C GLY A 208 13.23 0.23 18.51
N TYR A 209 12.12 -0.16 17.88
CA TYR A 209 12.06 -1.55 17.46
C TYR A 209 12.64 -1.79 16.06
N GLN A 210 13.42 -2.87 15.98
CA GLN A 210 14.06 -3.32 14.77
C GLN A 210 13.04 -4.13 13.99
N LEU A 211 12.91 -3.91 12.69
CA LEU A 211 11.93 -4.70 11.93
C LEU A 211 12.64 -5.55 10.87
N ARG A 212 12.16 -6.78 10.70
CA ARG A 212 12.60 -7.64 9.62
C ARG A 212 11.44 -7.77 8.63
N TYR A 213 11.75 -7.86 7.34
CA TYR A 213 10.71 -7.84 6.32
C TYR A 213 10.55 -9.15 5.54
N GLY A 214 9.35 -9.35 5.00
CA GLY A 214 9.03 -10.54 4.24
C GLY A 214 7.68 -10.41 3.55
N LYS A 215 7.53 -11.09 2.42
CA LYS A 215 6.28 -11.03 1.66
C LYS A 215 5.88 -9.58 1.36
N ASP A 216 4.60 -9.35 1.17
CA ASP A 216 4.10 -8.01 0.85
C ASP A 216 4.39 -6.99 1.95
N GLY A 217 5.39 -6.14 1.73
CA GLY A 217 5.63 -5.03 2.62
C GLY A 217 5.52 -5.42 4.09
N ASN A 218 5.09 -6.65 4.32
CA ASN A 218 4.95 -7.15 5.68
C ASN A 218 6.26 -7.18 6.46
N PHE A 219 6.16 -7.16 7.78
CA PHE A 219 7.33 -7.07 8.64
C PHE A 219 7.04 -7.68 10.01
N ASP A 220 8.10 -8.10 10.69
CA ASP A 220 7.97 -8.62 12.05
C ASP A 220 9.07 -7.95 12.85
N LEU A 221 8.98 -8.00 14.16
CA LEU A 221 10.06 -7.44 14.94
C LEU A 221 11.23 -8.39 14.75
N ALA A 222 12.46 -7.87 14.67
CA ALA A 222 13.64 -8.68 14.40
C ALA A 222 13.97 -9.66 15.52
N HIS A 223 13.68 -9.28 16.76
CA HIS A 223 13.97 -10.16 17.89
C HIS A 223 12.99 -11.32 17.91
N ILE A 224 11.91 -11.17 17.16
CA ILE A 224 10.95 -12.25 17.03
C ILE A 224 10.99 -12.73 15.59
N ASP A 225 11.75 -13.80 15.40
CA ASP A 225 11.88 -14.43 14.09
C ASP A 225 10.75 -15.42 13.83
N ARG A 226 10.71 -15.94 12.61
CA ARG A 226 9.68 -16.91 12.22
C ARG A 226 9.74 -18.14 13.11
N GLN A 227 10.94 -18.46 13.57
CA GLN A 227 11.16 -19.65 14.40
C GLN A 227 10.16 -19.76 15.54
N GLN A 228 9.73 -18.62 16.08
CA GLN A 228 8.81 -18.62 17.21
C GLN A 228 7.48 -17.94 16.88
N ILE A 229 7.23 -17.67 15.62
CA ILE A 229 6.00 -17.01 15.21
C ILE A 229 4.86 -18.00 14.99
N GLU A 230 5.13 -19.07 14.26
CA GLU A 230 4.07 -20.03 13.95
C GLU A 230 3.69 -20.88 15.18
N GLY A 231 4.52 -20.80 16.21
CA GLY A 231 4.17 -21.44 17.46
C GLY A 231 2.96 -20.73 18.02
N PHE A 232 2.90 -19.42 17.80
CA PHE A 232 1.77 -18.65 18.26
C PHE A 232 0.77 -18.47 17.15
N SER A 233 1.04 -19.08 16.00
CA SER A 233 0.13 -18.99 14.86
C SER A 233 -0.56 -20.33 14.60
N LYS A 234 -1.17 -20.88 15.62
CA LYS A 234 -1.87 -22.17 15.50
C LYS A 234 -3.04 -22.06 14.53
N ARG A 235 -3.68 -20.90 14.49
CA ARG A 235 -4.81 -20.69 13.62
C ARG A 235 -4.36 -20.71 12.16
N THR A 236 -3.08 -20.46 11.95
CA THR A 236 -2.50 -20.50 10.61
C THR A 236 -2.06 -21.92 10.28
N GLU A 237 -1.66 -22.68 11.29
CA GLU A 237 -1.29 -24.08 11.13
C GLU A 237 -2.52 -24.88 10.73
N GLN A 238 -3.66 -24.52 11.30
CA GLN A 238 -4.94 -25.12 10.94
C GLN A 238 -5.35 -24.72 9.53
N ILE A 239 -5.04 -23.50 9.12
CA ILE A 239 -5.35 -23.12 7.74
C ILE A 239 -4.43 -23.83 6.76
N ALA A 240 -3.16 -23.90 7.10
CA ALA A 240 -2.16 -24.52 6.24
C ALA A 240 -2.37 -26.01 6.06
N GLU A 241 -2.88 -26.64 7.12
CA GLU A 241 -3.22 -28.06 7.11
C GLU A 241 -4.54 -28.34 6.37
N TRP A 242 -5.41 -27.33 6.30
CA TRP A 242 -6.68 -27.49 5.60
C TRP A 242 -6.47 -27.75 4.12
N TYR A 243 -5.75 -26.86 3.45
CA TYR A 243 -5.45 -27.02 2.03
C TYR A 243 -4.53 -28.18 1.77
N ALA A 244 -3.62 -28.44 2.70
CA ALA A 244 -2.64 -29.52 2.53
C ALA A 244 -3.30 -30.90 2.58
N ALA A 245 -4.43 -30.97 3.27
CA ALA A 245 -5.17 -32.21 3.37
C ALA A 245 -5.80 -32.43 2.02
N ARG A 246 -6.37 -31.36 1.47
CA ARG A 246 -7.13 -31.44 0.25
C ARG A 246 -6.27 -31.27 -0.99
N GLY A 247 -4.97 -31.47 -0.83
CA GLY A 247 -4.10 -31.51 -1.98
C GLY A 247 -4.11 -30.21 -2.76
N LEU A 248 -3.60 -29.14 -2.15
CA LEU A 248 -3.59 -27.83 -2.79
C LEU A 248 -2.62 -26.87 -2.08
N ASP A 249 -1.91 -26.09 -2.89
CA ASP A 249 -0.97 -25.04 -2.48
C ASP A 249 -1.64 -23.90 -1.67
N PRO A 250 -0.88 -23.30 -0.73
CA PRO A 250 -1.32 -22.05 -0.09
C PRO A 250 -1.51 -20.92 -1.11
N ASN A 251 -0.60 -20.84 -2.07
CA ASN A 251 -0.46 -19.66 -2.92
C ASN A 251 -1.31 -19.73 -4.18
N SER A 252 -1.59 -20.93 -4.67
CA SER A 252 -2.37 -21.08 -5.90
C SER A 252 -3.85 -21.40 -5.61
N VAL A 253 -4.40 -20.73 -4.61
CA VAL A 253 -5.80 -20.91 -4.21
C VAL A 253 -6.77 -20.07 -5.06
N SER A 254 -8.05 -20.13 -4.68
CA SER A 254 -9.09 -19.35 -5.31
C SER A 254 -9.71 -18.39 -4.29
N LEU A 255 -10.40 -17.37 -4.79
CA LEU A 255 -11.02 -16.37 -3.94
C LEU A 255 -11.83 -17.00 -2.80
N GLU A 256 -13.02 -17.50 -3.14
CA GLU A 256 -13.89 -18.13 -2.16
C GLU A 256 -13.23 -19.36 -1.55
N GLN A 257 -12.69 -20.21 -2.42
CA GLN A 257 -12.03 -21.43 -1.98
C GLN A 257 -10.95 -21.11 -0.96
N LYS A 258 -10.47 -19.87 -0.97
CA LYS A 258 -9.47 -19.42 -0.01
C LYS A 258 -10.12 -19.21 1.35
N GLN A 259 -11.41 -18.92 1.34
CA GLN A 259 -12.17 -18.77 2.59
C GLN A 259 -12.77 -20.10 3.02
N ALA A 260 -12.38 -21.17 2.34
CA ALA A 260 -12.81 -22.51 2.70
C ALA A 260 -12.33 -22.83 4.11
N ALA A 261 -11.50 -21.95 4.66
CA ALA A 261 -11.00 -22.10 6.02
C ALA A 261 -11.57 -20.99 6.89
N LYS A 262 -12.42 -20.15 6.29
CA LYS A 262 -13.06 -19.06 7.02
C LYS A 262 -13.83 -19.58 8.22
N VAL A 263 -14.30 -20.82 8.12
CA VAL A 263 -15.03 -21.43 9.20
C VAL A 263 -14.34 -22.70 9.57
N LEU A 264 -14.28 -23.60 8.58
CA LEU A 264 -14.12 -25.04 8.81
C LEU A 264 -12.86 -25.40 9.59
N SER A 265 -12.00 -24.43 9.84
CA SER A 265 -10.93 -24.61 10.81
C SER A 265 -11.40 -24.05 12.15
N ARG A 266 -12.60 -24.47 12.58
CA ARG A 266 -13.25 -23.96 13.78
C ARG A 266 -12.77 -24.61 15.05
N ALA A 267 -12.94 -23.91 16.17
CA ALA A 267 -12.77 -24.54 17.48
C ALA A 267 -13.96 -24.17 18.37
N LYS A 268 -13.84 -24.50 19.65
CA LYS A 268 -14.84 -24.14 20.65
C LYS A 268 -14.47 -22.80 21.26
N LYS A 269 -15.41 -21.86 21.26
CA LYS A 269 -15.14 -20.51 21.74
C LYS A 269 -15.15 -20.46 23.27
N THR A 270 -14.55 -21.49 23.90
CA THR A 270 -14.57 -21.63 25.35
C THR A 270 -14.13 -20.33 26.04
N SER A 271 -15.05 -19.77 26.82
CA SER A 271 -14.79 -18.51 27.48
C SER A 271 -13.84 -18.79 28.63
N VAL A 272 -12.65 -18.23 28.56
CA VAL A 272 -11.63 -18.56 29.53
C VAL A 272 -11.15 -17.35 30.31
N ASP A 273 -10.59 -17.58 31.49
CA ASP A 273 -9.94 -16.51 32.20
C ASP A 273 -8.76 -16.09 31.35
N ARG A 274 -8.39 -14.84 31.51
CA ARG A 274 -7.41 -14.21 30.66
C ARG A 274 -6.12 -13.90 31.40
N GLU A 275 -6.18 -13.91 32.73
CA GLU A 275 -4.99 -13.63 33.51
C GLU A 275 -4.09 -14.83 33.50
N ALA A 276 -4.69 -16.01 33.55
CA ALA A 276 -3.91 -17.23 33.54
C ALA A 276 -3.53 -17.59 32.12
N LEU A 277 -4.20 -17.01 31.14
CA LEU A 277 -3.86 -17.25 29.74
C LEU A 277 -2.57 -16.53 29.36
N ARG A 278 -2.42 -15.29 29.82
CA ARG A 278 -1.25 -14.51 29.46
C ARG A 278 0.01 -15.05 30.13
N ALA A 279 -0.16 -15.67 31.28
CA ALA A 279 0.96 -16.34 31.92
C ALA A 279 1.23 -17.61 31.15
N GLU A 280 0.22 -18.11 30.44
CA GLU A 280 0.45 -19.26 29.58
C GLU A 280 1.20 -18.77 28.37
N TRP A 281 0.82 -17.61 27.89
CA TRP A 281 1.51 -17.03 26.76
C TRP A 281 2.97 -16.86 27.11
N GLN A 282 3.20 -16.32 28.30
CA GLN A 282 4.55 -16.00 28.68
C GLN A 282 5.42 -17.24 28.74
N ALA A 283 4.87 -18.32 29.27
CA ALA A 283 5.61 -19.58 29.38
C ALA A 283 5.70 -20.30 28.04
N THR A 284 4.76 -20.05 27.16
CA THR A 284 4.79 -20.63 25.82
C THR A 284 5.70 -19.80 24.93
N ALA A 285 6.01 -18.60 25.38
CA ALA A 285 6.91 -17.72 24.65
C ALA A 285 8.36 -18.09 24.95
N LYS A 286 8.72 -18.02 26.22
CA LYS A 286 10.09 -18.31 26.64
C LYS A 286 10.46 -19.77 26.44
N GLU A 287 9.46 -20.60 26.17
CA GLU A 287 9.73 -22.00 25.85
C GLU A 287 10.30 -22.06 24.46
N LEU A 288 9.97 -21.06 23.65
CA LEU A 288 10.55 -20.90 22.34
C LEU A 288 11.77 -19.99 22.45
N GLY A 289 12.20 -19.76 23.68
CA GLY A 289 13.37 -18.96 23.96
C GLY A 289 13.17 -17.49 23.66
N ILE A 290 11.97 -17.15 23.21
CA ILE A 290 11.66 -15.78 22.81
C ILE A 290 12.19 -14.75 23.80
N ASP A 291 12.92 -13.77 23.27
CA ASP A 291 13.46 -12.69 24.07
C ASP A 291 12.76 -11.39 23.70
N PHE A 292 12.00 -10.84 24.65
CA PHE A 292 11.23 -9.63 24.39
C PHE A 292 12.08 -8.39 24.60
N SER A 293 13.33 -8.61 24.96
CA SER A 293 14.36 -7.58 24.99
C SER A 293 13.94 -6.34 25.80
N MET C 1 1.62 5.24 -9.84
CA MET C 1 2.03 3.95 -10.38
C MET C 1 3.51 3.70 -10.15
N LEU C 2 3.87 2.52 -9.67
CA LEU C 2 5.28 2.09 -9.56
C LEU C 2 5.56 0.94 -10.52
N SER C 3 6.26 1.22 -11.61
CA SER C 3 6.67 0.21 -12.56
C SER C 3 8.06 -0.21 -12.13
N HIS C 4 8.35 -1.49 -12.14
CA HIS C 4 9.69 -1.94 -11.76
C HIS C 4 10.35 -2.68 -12.93
N MET C 5 11.69 -2.76 -12.97
CA MET C 5 12.35 -3.61 -13.98
C MET C 5 13.82 -3.93 -13.67
N VAL C 6 14.13 -5.22 -13.57
CA VAL C 6 15.49 -5.69 -13.34
C VAL C 6 16.37 -5.39 -14.54
N LEU C 7 17.51 -4.78 -14.26
CA LEU C 7 18.38 -4.28 -15.30
C LEU C 7 19.48 -5.28 -15.68
N THR C 8 19.60 -5.56 -16.97
CA THR C 8 20.63 -6.49 -17.44
C THR C 8 21.77 -5.74 -18.10
N ARG C 9 22.80 -6.48 -18.50
CA ARG C 9 23.88 -5.92 -19.26
C ARG C 9 23.37 -5.45 -20.62
N GLN C 10 22.27 -6.03 -21.08
CA GLN C 10 21.69 -5.63 -22.35
C GLN C 10 21.13 -4.20 -22.24
N ASP C 11 20.88 -3.74 -21.01
CA ASP C 11 20.21 -2.47 -20.81
C ASP C 11 21.17 -1.43 -20.31
N ILE C 12 22.43 -1.85 -20.15
CA ILE C 12 23.43 -1.03 -19.48
C ILE C 12 23.57 0.32 -20.15
N GLY C 13 23.31 0.37 -21.44
CA GLY C 13 23.32 1.64 -22.14
C GLY C 13 22.06 2.39 -21.82
N ARG C 14 20.92 1.74 -22.03
CA ARG C 14 19.61 2.32 -21.73
C ARG C 14 19.54 2.70 -20.25
N ALA C 15 20.09 1.84 -19.39
CA ALA C 15 20.19 2.13 -17.97
C ALA C 15 21.09 3.32 -17.71
N ALA C 16 22.08 3.50 -18.59
CA ALA C 16 22.96 4.68 -18.56
C ALA C 16 22.39 5.87 -19.32
N SER C 17 21.53 5.59 -20.30
CA SER C 17 20.86 6.63 -21.11
C SER C 17 19.76 7.34 -20.35
N TYR C 18 19.56 6.96 -19.10
CA TYR C 18 18.53 7.54 -18.26
C TYR C 18 19.08 8.71 -17.42
N TYR C 19 20.27 9.20 -17.80
CA TYR C 19 20.91 10.34 -17.15
C TYR C 19 20.31 11.66 -17.60
N ALA C 33 17.80 17.04 -10.71
CA ALA C 33 17.55 16.36 -12.01
C ALA C 33 17.90 14.89 -11.87
N SER C 34 19.02 14.67 -11.20
CA SER C 34 19.59 13.38 -10.92
C SER C 34 20.10 13.43 -9.50
N GLU C 35 19.89 12.42 -8.69
CA GLU C 35 20.51 12.45 -7.37
C GLU C 35 20.86 11.07 -6.87
N TRP C 36 21.81 11.03 -5.95
CA TRP C 36 22.12 9.81 -5.21
C TRP C 36 21.14 9.63 -4.07
N GLN C 37 20.90 8.37 -3.67
CA GLN C 37 20.19 8.13 -2.42
C GLN C 37 20.57 6.80 -1.79
N GLY C 38 20.43 6.72 -0.47
CA GLY C 38 20.64 5.48 0.24
C GLY C 38 21.62 5.69 1.35
N LYS C 39 21.58 4.83 2.35
CA LYS C 39 22.63 4.76 3.37
C LYS C 39 23.92 4.21 2.76
N GLY C 40 23.80 3.30 1.80
CA GLY C 40 24.95 2.72 1.11
C GLY C 40 25.68 3.68 0.20
N ALA C 41 24.95 4.62 -0.39
CA ALA C 41 25.54 5.65 -1.22
C ALA C 41 26.30 6.67 -0.39
N GLU C 42 25.70 7.07 0.72
CA GLU C 42 26.30 8.06 1.57
C GLU C 42 27.60 7.53 2.18
N GLU C 43 27.65 6.23 2.44
CA GLU C 43 28.79 5.53 3.02
C GLU C 43 29.93 5.37 2.01
N LEU C 44 29.58 5.38 0.73
CA LEU C 44 30.54 5.33 -0.38
C LEU C 44 30.90 6.75 -0.81
N GLY C 45 30.44 7.74 -0.04
CA GLY C 45 30.80 9.10 -0.31
C GLY C 45 30.03 9.67 -1.46
N LEU C 46 28.88 9.07 -1.72
CA LEU C 46 28.06 9.51 -2.82
C LEU C 46 26.88 10.30 -2.28
N SER C 47 26.91 11.62 -2.44
CA SER C 47 25.84 12.49 -1.97
C SER C 47 25.63 13.56 -3.03
N GLY C 48 24.40 14.05 -3.16
CA GLY C 48 24.14 15.14 -4.09
C GLY C 48 23.92 14.60 -5.48
N GLU C 49 24.29 15.36 -6.50
CA GLU C 49 24.01 14.97 -7.88
C GLU C 49 24.81 13.76 -8.29
N VAL C 50 24.41 13.14 -9.41
CA VAL C 50 25.06 11.94 -9.92
C VAL C 50 26.13 12.19 -11.01
N ASP C 51 27.30 11.57 -10.89
CA ASP C 51 28.23 11.56 -12.00
C ASP C 51 27.94 10.37 -12.89
N SER C 52 27.72 10.64 -14.18
CA SER C 52 27.35 9.63 -15.13
C SER C 52 28.43 8.58 -15.19
N LYS C 53 29.69 9.04 -15.17
CA LYS C 53 30.82 8.14 -15.21
C LYS C 53 30.82 7.28 -13.97
N ARG C 54 30.63 7.89 -12.80
CA ARG C 54 30.65 7.11 -11.56
C ARG C 54 29.44 6.21 -11.52
N PHE C 55 28.33 6.65 -12.09
CA PHE C 55 27.15 5.79 -12.18
C PHE C 55 27.31 4.63 -13.17
N ARG C 56 27.95 4.86 -14.31
CA ARG C 56 28.18 3.78 -15.27
C ARG C 56 29.20 2.78 -14.75
N GLU C 57 30.11 3.27 -13.91
CA GLU C 57 31.06 2.39 -13.21
C GLU C 57 30.41 1.47 -12.22
N LEU C 58 29.46 2.02 -11.48
CA LEU C 58 28.79 1.28 -10.43
C LEU C 58 27.82 0.28 -11.03
N LEU C 59 27.33 0.57 -12.21
CA LEU C 59 26.50 -0.38 -12.94
C LEU C 59 27.33 -1.59 -13.30
N ALA C 60 28.56 -1.32 -13.72
CA ALA C 60 29.50 -2.36 -14.17
C ALA C 60 30.06 -3.17 -13.00
N GLY C 61 30.00 -2.62 -11.79
CA GLY C 61 30.42 -3.39 -10.63
C GLY C 61 31.63 -2.81 -9.95
N ASN C 62 32.26 -1.84 -10.60
CA ASN C 62 33.40 -1.13 -10.09
C ASN C 62 32.99 -0.03 -9.12
N ILE C 63 33.07 -0.32 -7.83
CA ILE C 63 32.69 0.68 -6.87
C ILE C 63 33.85 1.65 -6.62
N GLY C 64 35.08 1.14 -6.69
CA GLY C 64 36.26 1.95 -6.47
C GLY C 64 36.66 2.01 -5.00
N GLU C 65 37.26 3.12 -4.61
CA GLU C 65 37.88 3.33 -3.29
C GLU C 65 38.54 2.06 -2.75
N GLY C 66 39.35 1.45 -3.61
CA GLY C 66 40.20 0.36 -3.21
C GLY C 66 39.37 -0.85 -2.91
N HIS C 67 38.51 -1.22 -3.85
CA HIS C 67 37.76 -2.47 -3.69
C HIS C 67 37.76 -3.30 -4.95
N ARG C 68 37.62 -4.61 -4.78
CA ARG C 68 37.63 -5.53 -5.90
C ARG C 68 36.39 -5.27 -6.75
N ILE C 69 36.21 -6.00 -7.84
CA ILE C 69 35.01 -5.76 -8.63
C ILE C 69 33.94 -6.81 -8.29
N MET C 70 32.71 -6.34 -8.13
CA MET C 70 31.62 -7.16 -7.61
C MET C 70 31.10 -8.14 -8.67
N ARG C 71 30.36 -9.14 -8.20
CA ARG C 71 29.67 -10.11 -9.06
C ARG C 71 30.62 -10.99 -9.87
N SER C 72 31.77 -11.27 -9.27
CA SER C 72 32.79 -12.13 -9.86
C SER C 72 32.27 -13.57 -9.94
N ALA C 73 31.46 -13.93 -8.94
CA ALA C 73 30.99 -15.29 -8.77
C ALA C 73 29.71 -15.63 -9.54
N THR C 74 29.39 -14.87 -10.59
CA THR C 74 28.18 -15.09 -11.39
C THR C 74 28.35 -16.14 -12.50
N ARG C 75 27.31 -16.94 -12.73
CA ARG C 75 27.34 -17.95 -13.78
C ARG C 75 27.28 -17.27 -15.13
N GLN C 76 28.03 -17.78 -16.10
CA GLN C 76 28.20 -17.10 -17.38
C GLN C 76 27.03 -17.51 -18.31
N ASP C 77 26.35 -18.60 -17.95
CA ASP C 77 25.06 -19.02 -18.52
C ASP C 77 23.99 -17.91 -18.41
N SER C 78 24.19 -17.06 -17.40
CA SER C 78 23.23 -16.04 -16.94
C SER C 78 23.45 -14.58 -17.39
N LYS C 79 22.42 -13.76 -17.17
CA LYS C 79 22.47 -12.31 -17.35
C LYS C 79 23.13 -11.67 -16.15
N GLU C 80 24.23 -10.94 -16.31
CA GLU C 80 24.72 -10.12 -15.19
C GLU C 80 23.80 -8.93 -14.98
N ARG C 81 23.12 -8.92 -13.84
CA ARG C 81 22.15 -7.88 -13.52
C ARG C 81 22.86 -6.68 -12.96
N ILE C 82 22.64 -5.52 -13.55
CA ILE C 82 23.35 -4.35 -13.09
C ILE C 82 22.55 -3.64 -11.99
N GLY C 83 21.29 -4.05 -11.78
CA GLY C 83 20.46 -3.47 -10.73
C GLY C 83 18.96 -3.58 -10.96
N LEU C 84 18.16 -2.80 -10.23
CA LEU C 84 16.70 -2.74 -10.40
C LEU C 84 16.13 -1.32 -10.56
N ASP C 85 15.36 -1.09 -11.60
CA ASP C 85 14.78 0.24 -11.84
C ASP C 85 13.40 0.38 -11.27
N LEU C 86 13.25 1.21 -10.24
CA LEU C 86 11.95 1.50 -9.67
C LEU C 86 11.39 2.77 -10.22
N THR C 87 10.53 2.64 -11.22
CA THR C 87 10.01 3.81 -11.89
C THR C 87 8.74 4.29 -11.19
N PHE C 88 8.85 5.51 -10.67
CA PHE C 88 7.78 6.14 -9.93
C PHE C 88 7.02 7.09 -10.82
N SER C 89 5.89 6.63 -11.34
CA SER C 89 5.11 7.40 -12.29
C SER C 89 3.96 8.20 -11.62
N ALA C 90 3.97 9.52 -11.78
CA ALA C 90 2.97 10.35 -11.14
C ALA C 90 1.73 10.38 -12.00
N PRO C 91 0.55 10.47 -11.34
CA PRO C 91 -0.74 10.48 -12.04
C PRO C 91 -0.74 11.52 -13.15
N LYS C 92 -1.59 11.40 -14.16
CA LYS C 92 -1.46 12.32 -15.29
C LYS C 92 -1.75 13.75 -14.86
N SER C 93 -2.79 13.91 -14.05
CA SER C 93 -3.26 15.20 -13.56
C SER C 93 -2.19 16.02 -12.88
N VAL C 94 -1.24 15.31 -12.28
CA VAL C 94 -0.10 15.89 -11.59
C VAL C 94 0.98 16.39 -12.53
N SER C 95 1.17 15.64 -13.59
CA SER C 95 2.14 15.94 -14.60
C SER C 95 1.69 17.17 -15.42
N LEU C 96 0.39 17.37 -15.57
CA LEU C 96 -0.04 18.57 -16.25
C LEU C 96 0.23 19.80 -15.38
N GLN C 97 0.00 19.65 -14.08
CA GLN C 97 0.21 20.74 -13.12
C GLN C 97 1.72 20.89 -12.88
N ALA C 98 2.50 19.85 -13.16
CA ALA C 98 3.94 19.99 -13.00
C ALA C 98 4.64 20.28 -14.34
N LEU C 99 4.20 19.64 -15.43
CA LEU C 99 4.91 19.79 -16.71
C LEU C 99 4.22 20.76 -17.67
N VAL C 100 2.90 20.72 -17.76
CA VAL C 100 2.18 21.67 -18.63
C VAL C 100 1.98 23.04 -17.93
N ALA C 101 1.58 23.03 -16.66
CA ALA C 101 1.52 24.28 -15.92
C ALA C 101 2.93 24.79 -15.54
N GLY C 102 3.79 23.91 -15.04
CA GLY C 102 5.11 24.37 -14.63
C GLY C 102 5.15 24.74 -13.16
N ASP C 103 5.07 23.72 -12.30
CA ASP C 103 5.07 23.89 -10.84
C ASP C 103 6.19 23.11 -10.15
N ALA C 104 7.13 23.84 -9.54
CA ALA C 104 8.28 23.25 -8.85
C ALA C 104 7.87 22.67 -7.51
N GLU C 105 6.77 23.18 -6.96
CA GLU C 105 6.32 22.74 -5.67
C GLU C 105 5.79 21.33 -5.78
N ILE C 106 5.12 21.06 -6.89
CA ILE C 106 4.65 19.71 -7.20
C ILE C 106 5.71 18.78 -7.76
N ILE C 107 6.64 19.27 -8.58
CA ILE C 107 7.74 18.36 -8.93
C ILE C 107 8.44 17.96 -7.64
N LYS C 108 8.63 18.92 -6.73
CA LYS C 108 9.32 18.63 -5.47
C LYS C 108 8.52 17.73 -4.56
N ALA C 109 7.20 17.84 -4.63
CA ALA C 109 6.31 16.98 -3.84
C ALA C 109 6.45 15.55 -4.32
N HIS C 110 6.70 15.40 -5.63
CA HIS C 110 6.92 14.10 -6.21
C HIS C 110 8.28 13.58 -5.85
N ASP C 111 9.26 14.44 -5.73
CA ASP C 111 10.57 13.92 -5.30
C ASP C 111 10.50 13.39 -3.86
N ARG C 112 9.80 14.08 -2.97
CA ARG C 112 9.79 13.61 -1.58
C ARG C 112 9.03 12.32 -1.42
N ALA C 113 8.04 12.08 -2.28
CA ALA C 113 7.32 10.80 -2.24
C ALA C 113 8.21 9.62 -2.71
N VAL C 114 9.03 9.88 -3.70
CA VAL C 114 9.95 8.87 -4.21
C VAL C 114 10.98 8.56 -3.14
N ALA C 115 11.53 9.62 -2.57
CA ALA C 115 12.61 9.48 -1.62
C ALA C 115 12.16 8.73 -0.41
N ARG C 116 10.96 9.00 0.09
CA ARG C 116 10.46 8.36 1.32
C ARG C 116 9.96 6.94 1.10
N THR C 117 9.61 6.64 -0.14
CA THR C 117 9.25 5.30 -0.55
C THR C 117 10.48 4.39 -0.67
N LEU C 118 11.56 4.96 -1.20
CA LEU C 118 12.80 4.22 -1.35
C LEU C 118 13.43 3.95 0.00
N GLU C 119 13.08 4.75 1.02
CA GLU C 119 13.57 4.48 2.38
C GLU C 119 13.02 3.17 2.91
N GLN C 120 11.77 2.88 2.57
CA GLN C 120 11.16 1.60 2.92
C GLN C 120 11.59 0.48 1.98
N ALA C 121 11.95 0.80 0.74
CA ALA C 121 12.49 -0.20 -0.15
C ALA C 121 13.85 -0.60 0.35
N GLU C 122 14.55 0.38 0.89
CA GLU C 122 15.89 0.19 1.40
C GLU C 122 15.99 -0.59 2.69
N ALA C 123 15.01 -0.40 3.57
CA ALA C 123 14.98 -1.09 4.85
C ALA C 123 14.92 -2.59 4.64
N ARG C 124 14.55 -2.93 3.42
CA ARG C 124 14.32 -4.29 2.92
C ARG C 124 15.46 -4.86 2.11
N ALA C 125 16.66 -4.31 2.32
CA ALA C 125 17.86 -4.78 1.62
C ALA C 125 18.45 -6.04 2.30
N GLN C 126 18.79 -7.04 1.50
CA GLN C 126 19.26 -8.31 2.03
C GLN C 126 20.48 -8.86 1.27
N ALA C 127 21.27 -9.72 1.92
CA ALA C 127 22.39 -10.36 1.24
C ALA C 127 22.78 -11.73 1.84
N ARG C 128 23.60 -12.48 1.11
CA ARG C 128 23.93 -13.85 1.50
C ARG C 128 25.38 -14.06 1.95
N GLN C 129 25.56 -14.89 2.97
CA GLN C 129 26.86 -15.19 3.54
C GLN C 129 27.03 -16.70 3.73
N LYS C 130 28.10 -17.25 3.19
CA LYS C 130 28.35 -18.70 3.27
C LYS C 130 29.03 -19.09 4.57
N ILE C 131 28.35 -19.88 5.39
CA ILE C 131 28.87 -20.35 6.67
C ILE C 131 28.78 -21.87 6.77
N GLN C 132 29.92 -22.53 6.58
CA GLN C 132 30.00 -24.00 6.43
C GLN C 132 29.03 -24.47 5.29
N GLY C 133 29.25 -23.95 4.09
CA GLY C 133 28.52 -24.45 2.93
C GLY C 133 27.03 -24.14 2.98
N LYS C 134 26.64 -23.34 3.97
CA LYS C 134 25.24 -23.04 4.20
C LYS C 134 24.94 -21.54 4.16
N THR C 135 24.10 -21.19 3.20
CA THR C 135 23.73 -19.82 2.94
C THR C 135 22.94 -19.31 4.13
N ARG C 136 23.19 -18.07 4.53
CA ARG C 136 22.31 -17.44 5.50
C ARG C 136 21.89 -16.11 4.96
N ILE C 137 20.61 -15.82 5.05
CA ILE C 137 20.09 -14.55 4.60
C ILE C 137 20.00 -13.57 5.75
N GLU C 138 20.40 -12.33 5.50
CA GLU C 138 20.41 -11.24 6.48
C GLU C 138 19.83 -9.97 5.86
N THR C 139 18.99 -9.24 6.60
CA THR C 139 18.52 -7.94 6.12
C THR C 139 19.60 -6.92 6.42
N THR C 140 20.18 -6.34 5.36
CA THR C 140 21.29 -5.42 5.53
C THR C 140 20.75 -4.00 5.65
N GLY C 141 19.78 -3.66 4.81
CA GLY C 141 19.10 -2.39 4.96
C GLY C 141 19.89 -1.17 4.58
N ASN C 142 20.69 -1.27 3.51
CA ASN C 142 21.37 -0.12 2.91
C ASN C 142 21.46 -0.29 1.37
N LEU C 143 21.23 0.79 0.62
CA LEU C 143 21.21 0.77 -0.86
C LEU C 143 21.97 1.90 -1.55
N VAL C 144 22.34 1.68 -2.81
CA VAL C 144 22.95 2.73 -3.61
C VAL C 144 21.99 3.10 -4.76
N ILE C 145 21.37 4.27 -4.68
CA ILE C 145 20.34 4.62 -5.64
C ILE C 145 20.69 5.87 -6.41
N GLY C 146 20.57 5.80 -7.74
CA GLY C 146 20.71 6.98 -8.56
C GLY C 146 19.34 7.30 -9.06
N LYS C 147 18.77 8.41 -8.60
CA LYS C 147 17.43 8.77 -8.99
C LYS C 147 17.44 9.75 -10.15
N PHE C 148 16.66 9.47 -11.18
CA PHE C 148 16.65 10.30 -12.37
C PHE C 148 15.22 10.70 -12.78
N ARG C 149 14.96 11.99 -12.76
CA ARG C 149 13.63 12.50 -13.07
C ARG C 149 13.45 12.72 -14.56
N HIS C 150 12.42 12.10 -15.14
CA HIS C 150 12.08 12.30 -16.55
C HIS C 150 10.66 12.79 -16.67
N GLU C 151 10.37 13.46 -17.79
CA GLU C 151 9.16 14.25 -17.95
C GLU C 151 8.19 13.81 -19.05
N THR C 152 8.52 12.83 -19.87
CA THR C 152 7.58 12.48 -20.93
C THR C 152 7.31 10.99 -21.11
N SER C 153 6.30 10.73 -21.93
CA SER C 153 5.95 9.39 -22.39
C SER C 153 6.41 9.08 -23.80
N ARG C 154 5.92 7.95 -24.32
CA ARG C 154 6.34 7.47 -25.62
C ARG C 154 5.58 8.11 -26.77
N GLU C 155 4.36 8.58 -26.50
CA GLU C 155 3.66 9.40 -27.47
C GLU C 155 3.87 10.85 -27.08
N ARG C 156 4.99 11.07 -26.39
CA ARG C 156 5.41 12.36 -25.87
C ARG C 156 4.32 13.07 -25.06
N ASP C 157 3.60 12.33 -24.21
CA ASP C 157 2.65 12.96 -23.27
C ASP C 157 3.43 13.47 -22.05
N PRO C 158 2.97 14.57 -21.44
CA PRO C 158 3.60 15.08 -20.22
C PRO C 158 3.50 14.09 -19.11
N GLN C 159 4.57 13.38 -18.73
CA GLN C 159 4.41 12.38 -17.70
C GLN C 159 5.59 12.31 -16.72
N LEU C 160 5.40 12.89 -15.54
CA LEU C 160 6.43 12.90 -14.53
C LEU C 160 6.64 11.53 -13.90
N HIS C 161 7.86 11.04 -14.03
CA HIS C 161 8.27 9.73 -13.53
C HIS C 161 9.77 9.74 -13.26
N THR C 162 10.18 8.93 -12.31
CA THR C 162 11.55 8.86 -11.84
C THR C 162 12.15 7.47 -11.87
N HIS C 163 13.32 7.30 -12.49
CA HIS C 163 13.99 5.99 -12.51
C HIS C 163 14.88 5.86 -11.31
N ALA C 164 14.45 5.12 -10.29
CA ALA C 164 15.36 4.89 -9.21
C ALA C 164 16.09 3.61 -9.51
N VAL C 165 17.22 3.74 -10.20
CA VAL C 165 18.08 2.59 -10.46
C VAL C 165 18.84 2.24 -9.19
N ILE C 166 18.40 1.17 -8.54
CA ILE C 166 19.09 0.62 -7.38
C ILE C 166 20.15 -0.35 -7.88
N LEU C 167 21.40 -0.10 -7.51
CA LEU C 167 22.57 -0.90 -7.91
C LEU C 167 22.68 -2.19 -7.11
N ASN C 168 23.27 -3.23 -7.73
CA ASN C 168 23.45 -4.53 -7.08
C ASN C 168 24.62 -4.45 -6.13
N MET C 169 24.43 -3.75 -5.03
CA MET C 169 25.44 -3.67 -3.99
C MET C 169 24.79 -3.36 -2.66
N THR C 170 25.29 -3.99 -1.60
CA THR C 170 24.80 -3.69 -0.28
C THR C 170 25.89 -4.09 0.71
N LYS C 171 26.03 -3.36 1.80
CA LYS C 171 27.09 -3.63 2.73
C LYS C 171 26.51 -4.55 3.79
N ARG C 172 27.19 -5.67 4.03
CA ARG C 172 26.68 -6.69 4.94
C ARG C 172 27.18 -6.52 6.35
N SER C 173 27.01 -7.58 7.12
CA SER C 173 27.35 -7.54 8.52
C SER C 173 28.85 -7.71 8.75
N ASP C 174 29.55 -8.29 7.77
CA ASP C 174 31.00 -8.40 7.84
C ASP C 174 31.72 -7.12 7.34
N GLY C 175 30.94 -6.20 6.75
CA GLY C 175 31.50 -4.94 6.32
C GLY C 175 31.80 -5.07 4.85
N GLN C 176 31.35 -6.18 4.29
CA GLN C 176 31.72 -6.59 2.95
C GLN C 176 30.67 -6.03 2.06
N TRP C 177 31.04 -5.74 0.83
CA TRP C 177 30.08 -5.36 -0.20
C TRP C 177 29.74 -6.57 -1.07
N ARG C 178 28.56 -7.13 -0.88
CA ARG C 178 28.12 -8.25 -1.71
C ARG C 178 26.86 -7.84 -2.46
N ALA C 179 26.51 -8.61 -3.46
CA ALA C 179 25.32 -8.34 -4.26
C ALA C 179 24.02 -8.38 -3.44
N LEU C 180 23.07 -7.55 -3.85
CA LEU C 180 21.74 -7.40 -3.26
C LEU C 180 20.78 -8.60 -3.46
N LYS C 181 20.14 -9.09 -2.39
CA LYS C 181 19.03 -10.06 -2.51
C LYS C 181 17.68 -9.41 -2.88
N ASN C 182 17.22 -9.63 -4.10
CA ASN C 182 16.14 -8.88 -4.73
C ASN C 182 14.70 -9.21 -4.28
N ASP C 183 14.53 -10.36 -3.64
CA ASP C 183 13.23 -10.89 -3.27
C ASP C 183 12.30 -9.90 -2.56
N GLU C 184 12.67 -9.51 -1.35
CA GLU C 184 11.75 -8.78 -0.48
C GLU C 184 11.49 -7.37 -0.93
N ILE C 185 12.18 -6.94 -1.97
CA ILE C 185 11.97 -5.62 -2.53
C ILE C 185 11.07 -5.64 -3.73
N VAL C 186 11.32 -6.56 -4.65
CA VAL C 186 10.51 -6.66 -5.85
C VAL C 186 9.13 -7.22 -5.49
N LYS C 187 9.10 -8.09 -4.49
CA LYS C 187 7.85 -8.72 -4.06
C LYS C 187 7.16 -7.80 -3.05
N ALA C 188 7.34 -6.49 -3.29
CA ALA C 188 6.67 -5.45 -2.53
C ALA C 188 6.36 -4.23 -3.41
N THR C 189 6.27 -4.43 -4.72
CA THR C 189 6.01 -3.33 -5.65
C THR C 189 4.66 -2.67 -5.45
N ARG C 190 3.68 -3.50 -5.14
CA ARG C 190 2.33 -3.03 -4.95
C ARG C 190 2.23 -2.19 -3.68
N TYR C 191 2.94 -2.62 -2.65
CA TYR C 191 2.95 -1.93 -1.36
C TYR C 191 3.66 -0.59 -1.47
N LEU C 192 4.87 -0.66 -2.00
CA LEU C 192 5.73 0.50 -2.18
C LEU C 192 5.14 1.50 -3.17
N GLY C 193 4.37 0.99 -4.12
CA GLY C 193 3.63 1.83 -5.06
C GLY C 193 2.51 2.63 -4.41
N ALA C 194 1.97 2.09 -3.31
CA ALA C 194 0.94 2.75 -2.52
C ALA C 194 1.55 3.77 -1.56
N VAL C 195 2.74 3.49 -1.09
CA VAL C 195 3.41 4.40 -0.19
C VAL C 195 3.74 5.65 -0.95
N TYR C 196 4.08 5.49 -2.23
CA TYR C 196 4.34 6.61 -3.12
C TYR C 196 3.11 7.50 -3.27
N ASN C 197 1.97 6.85 -3.53
CA ASN C 197 0.69 7.55 -3.64
C ASN C 197 0.38 8.21 -2.33
N ALA C 198 0.64 7.49 -1.25
CA ALA C 198 0.28 7.96 0.07
C ALA C 198 1.08 9.19 0.45
N GLU C 199 2.36 9.19 0.07
CA GLU C 199 3.26 10.32 0.34
C GLU C 199 2.94 11.51 -0.56
N LEU C 200 2.76 11.19 -1.84
CA LEU C 200 2.47 12.22 -2.82
C LEU C 200 1.14 12.90 -2.51
N ALA C 201 0.21 12.13 -1.96
CA ALA C 201 -1.07 12.65 -1.49
C ALA C 201 -0.94 13.63 -0.33
N HIS C 202 -0.08 13.32 0.61
CA HIS C 202 0.09 14.17 1.77
C HIS C 202 0.72 15.47 1.31
N GLU C 203 1.73 15.36 0.46
CA GLU C 203 2.48 16.51 0.03
C GLU C 203 1.65 17.40 -0.86
N LEU C 204 0.86 16.81 -1.75
CA LEU C 204 -0.01 17.62 -2.60
C LEU C 204 -1.08 18.31 -1.79
N GLN C 205 -1.56 17.66 -0.73
CA GLN C 205 -2.60 18.24 0.14
C GLN C 205 -2.08 19.38 0.99
N LYS C 206 -0.80 19.34 1.35
CA LYS C 206 -0.21 20.40 2.18
C LYS C 206 -0.07 21.66 1.36
N LEU C 207 -0.06 21.47 0.04
CA LEU C 207 0.00 22.55 -0.94
C LEU C 207 -1.38 23.15 -1.21
N GLY C 208 -2.42 22.54 -0.65
CA GLY C 208 -3.74 23.11 -0.75
C GLY C 208 -4.52 22.62 -1.95
N TYR C 209 -3.99 21.58 -2.60
CA TYR C 209 -4.66 21.05 -3.75
C TYR C 209 -5.71 20.04 -3.32
N GLN C 210 -6.88 20.12 -3.97
CA GLN C 210 -7.99 19.20 -3.74
C GLN C 210 -7.75 17.97 -4.60
N LEU C 211 -7.99 16.79 -4.02
CA LEU C 211 -7.75 15.53 -4.71
C LEU C 211 -9.04 14.79 -5.07
N ARG C 212 -9.08 14.13 -6.23
CA ARG C 212 -10.22 13.29 -6.59
C ARG C 212 -9.78 11.82 -6.57
N TYR C 213 -10.57 10.96 -5.93
CA TYR C 213 -10.17 9.56 -5.72
C TYR C 213 -10.83 8.61 -6.72
N GLY C 214 -10.19 7.47 -6.97
CA GLY C 214 -10.74 6.47 -7.87
C GLY C 214 -9.97 5.16 -7.92
N LYS C 215 -10.41 4.15 -7.17
CA LYS C 215 -9.84 2.81 -7.23
C LYS C 215 -8.38 2.70 -6.80
N ASP C 216 -7.97 1.48 -6.46
CA ASP C 216 -6.58 1.18 -6.14
C ASP C 216 -5.99 2.09 -5.07
N GLY C 217 -6.76 3.07 -4.63
CA GLY C 217 -6.28 4.04 -3.68
C GLY C 217 -5.58 5.16 -4.43
N ASN C 218 -5.91 5.28 -5.72
CA ASN C 218 -5.32 6.30 -6.56
C ASN C 218 -6.11 7.57 -6.33
N PHE C 219 -5.54 8.68 -6.81
CA PHE C 219 -6.10 10.03 -6.67
C PHE C 219 -5.69 10.80 -7.91
N ASP C 220 -6.51 11.77 -8.33
CA ASP C 220 -6.19 12.73 -9.42
C ASP C 220 -6.55 14.11 -8.88
N LEU C 221 -6.11 15.20 -9.49
CA LEU C 221 -6.52 16.51 -9.00
C LEU C 221 -7.93 16.84 -9.50
N ALA C 222 -8.73 17.44 -8.62
CA ALA C 222 -10.15 17.71 -8.87
C ALA C 222 -10.38 18.73 -9.96
N HIS C 223 -9.49 19.71 -10.05
CA HIS C 223 -9.63 20.81 -10.99
C HIS C 223 -9.41 20.30 -12.37
N ILE C 224 -8.88 19.09 -12.47
CA ILE C 224 -8.64 18.48 -13.78
C ILE C 224 -9.58 17.31 -14.04
N ASP C 225 -10.55 17.54 -14.92
CA ASP C 225 -11.55 16.54 -15.28
C ASP C 225 -10.91 15.31 -15.91
N ARG C 226 -11.64 14.20 -15.91
CA ARG C 226 -11.12 12.93 -16.43
C ARG C 226 -11.03 12.94 -17.95
N GLN C 227 -11.82 13.79 -18.59
CA GLN C 227 -11.79 13.94 -20.03
C GLN C 227 -10.48 14.60 -20.45
N GLN C 228 -9.98 15.46 -19.58
CA GLN C 228 -8.75 16.21 -19.83
C GLN C 228 -7.53 15.39 -19.44
N ILE C 229 -7.78 14.22 -18.86
CA ILE C 229 -6.71 13.30 -18.50
C ILE C 229 -6.38 12.38 -19.67
N GLU C 230 -7.42 11.89 -20.36
CA GLU C 230 -7.22 11.03 -21.52
C GLU C 230 -6.93 11.87 -22.76
N GLY C 231 -7.12 13.18 -22.64
CA GLY C 231 -6.78 14.10 -23.70
C GLY C 231 -5.27 14.22 -23.79
N PHE C 232 -4.63 14.16 -22.63
CA PHE C 232 -3.18 14.12 -22.54
C PHE C 232 -2.77 12.67 -22.30
N SER C 233 -3.62 11.76 -22.74
CA SER C 233 -3.40 10.33 -22.55
C SER C 233 -3.50 9.58 -23.87
N LYS C 234 -2.75 10.03 -24.85
CA LYS C 234 -2.66 9.36 -26.16
C LYS C 234 -2.02 7.97 -26.00
N ARG C 235 -1.14 7.83 -25.02
CA ARG C 235 -0.38 6.61 -24.85
C ARG C 235 -1.22 5.45 -24.37
N THR C 236 -2.16 5.74 -23.47
CA THR C 236 -3.11 4.75 -23.00
C THR C 236 -4.26 4.53 -23.97
N GLU C 237 -4.54 5.56 -24.75
CA GLU C 237 -5.59 5.48 -25.73
C GLU C 237 -5.10 4.49 -26.78
N GLN C 238 -3.80 4.55 -27.06
CA GLN C 238 -3.14 3.61 -28.00
C GLN C 238 -3.16 2.21 -27.46
N ILE C 239 -3.08 2.11 -26.14
CA ILE C 239 -3.14 0.84 -25.47
C ILE C 239 -4.54 0.29 -25.59
N ALA C 240 -5.52 1.17 -25.48
CA ALA C 240 -6.95 0.84 -25.53
C ALA C 240 -7.36 0.25 -26.88
N GLU C 241 -6.67 0.69 -27.94
CA GLU C 241 -6.86 0.20 -29.30
C GLU C 241 -6.18 -1.16 -29.51
N TRP C 242 -5.13 -1.42 -28.73
CA TRP C 242 -4.41 -2.70 -28.83
C TRP C 242 -5.31 -3.86 -28.41
N TYR C 243 -5.94 -3.72 -27.24
CA TYR C 243 -6.82 -4.76 -26.71
C TYR C 243 -8.08 -4.95 -27.59
N ALA C 244 -8.59 -3.88 -28.17
CA ALA C 244 -9.82 -3.99 -28.95
C ALA C 244 -9.65 -4.76 -30.28
N ALA C 245 -8.45 -4.69 -30.86
CA ALA C 245 -8.24 -5.34 -32.16
C ALA C 245 -8.12 -6.85 -32.07
N ARG C 246 -7.35 -7.33 -31.09
CA ARG C 246 -7.03 -8.75 -31.02
C ARG C 246 -8.07 -9.58 -30.26
N GLY C 247 -9.28 -9.06 -30.16
CA GLY C 247 -10.39 -9.85 -29.65
C GLY C 247 -10.15 -10.25 -28.21
N LEU C 248 -10.09 -9.25 -27.33
CA LEU C 248 -9.75 -9.47 -25.95
C LEU C 248 -10.11 -8.30 -25.03
N ASP C 249 -10.71 -8.62 -23.88
CA ASP C 249 -11.02 -7.65 -22.82
C ASP C 249 -9.78 -7.14 -22.06
N PRO C 250 -9.84 -5.87 -21.57
CA PRO C 250 -8.87 -5.21 -20.68
C PRO C 250 -8.63 -5.87 -19.32
N ASN C 251 -9.67 -6.43 -18.72
CA ASN C 251 -9.58 -6.97 -17.37
C ASN C 251 -9.04 -8.39 -17.30
N SER C 252 -9.52 -9.25 -18.20
CA SER C 252 -9.11 -10.65 -18.21
C SER C 252 -7.71 -10.81 -18.81
N VAL C 253 -6.91 -9.76 -18.74
CA VAL C 253 -5.57 -9.78 -19.33
C VAL C 253 -4.52 -10.39 -18.41
N SER C 254 -3.51 -11.01 -19.02
CA SER C 254 -2.44 -11.68 -18.28
C SER C 254 -1.20 -10.82 -18.13
N LEU C 255 -0.12 -11.45 -17.66
CA LEU C 255 1.13 -10.76 -17.34
C LEU C 255 1.87 -10.21 -18.55
N GLU C 256 2.07 -11.06 -19.56
CA GLU C 256 2.87 -10.70 -20.72
C GLU C 256 2.10 -9.90 -21.76
N GLN C 257 0.85 -10.27 -22.01
CA GLN C 257 0.04 -9.57 -23.00
C GLN C 257 -0.25 -8.12 -22.57
N LYS C 258 -0.32 -7.91 -21.26
CA LYS C 258 -0.48 -6.56 -20.71
C LYS C 258 0.83 -5.78 -20.86
N GLN C 259 1.95 -6.49 -20.94
CA GLN C 259 3.18 -5.83 -21.33
C GLN C 259 3.33 -5.88 -22.85
N ALA C 260 2.41 -6.57 -23.53
CA ALA C 260 2.47 -6.53 -24.97
C ALA C 260 1.96 -5.19 -25.49
N ALA C 261 1.01 -4.55 -24.80
CA ALA C 261 0.51 -3.29 -25.33
C ALA C 261 1.28 -2.10 -24.78
N LYS C 262 2.09 -2.31 -23.77
CA LYS C 262 2.92 -1.22 -23.30
C LYS C 262 4.11 -1.05 -24.24
N VAL C 263 4.52 -2.15 -24.88
CA VAL C 263 5.66 -2.17 -25.79
C VAL C 263 5.19 -2.10 -27.23
N LEU C 264 4.36 -3.06 -27.65
CA LEU C 264 3.96 -3.19 -29.05
C LEU C 264 2.98 -2.12 -29.50
N SER C 265 2.48 -1.32 -28.55
CA SER C 265 1.64 -0.18 -28.90
C SER C 265 2.48 1.08 -28.96
N ARG C 266 3.71 0.99 -28.50
CA ARG C 266 4.56 2.16 -28.40
C ARG C 266 5.10 2.48 -29.79
N ALA C 267 5.41 3.75 -30.02
CA ALA C 267 5.75 4.22 -31.36
C ALA C 267 7.10 4.92 -31.48
N LYS C 268 7.22 5.74 -32.51
CA LYS C 268 8.50 6.32 -32.93
C LYS C 268 9.03 7.51 -32.09
N LYS C 269 10.27 7.35 -31.62
CA LYS C 269 10.94 8.28 -30.70
C LYS C 269 11.67 9.51 -31.29
N THR C 270 11.21 10.07 -32.40
CA THR C 270 11.92 11.20 -33.02
C THR C 270 12.15 12.35 -32.04
N SER C 271 13.41 12.75 -31.89
CA SER C 271 13.80 13.78 -30.93
C SER C 271 13.33 15.16 -31.38
N VAL C 272 12.51 15.81 -30.54
CA VAL C 272 11.86 17.07 -30.89
C VAL C 272 12.27 18.17 -29.91
N ASP C 273 12.13 19.44 -30.32
CA ASP C 273 12.41 20.59 -29.47
C ASP C 273 11.50 20.53 -28.26
N ARG C 274 11.91 21.09 -27.12
CA ARG C 274 11.07 20.93 -25.94
C ARG C 274 10.44 22.21 -25.39
N GLU C 275 10.96 23.38 -25.77
CA GLU C 275 10.40 24.62 -25.28
C GLU C 275 9.08 24.86 -26.01
N ALA C 276 9.06 24.42 -27.25
CA ALA C 276 7.85 24.54 -28.04
C ALA C 276 6.93 23.41 -27.68
N LEU C 277 7.45 22.34 -27.07
CA LEU C 277 6.60 21.21 -26.70
C LEU C 277 5.69 21.58 -25.54
N ARG C 278 6.22 22.32 -24.59
CA ARG C 278 5.48 22.78 -23.43
C ARG C 278 4.52 23.88 -23.87
N ALA C 279 4.86 24.57 -24.96
CA ALA C 279 3.94 25.55 -25.53
C ALA C 279 2.81 24.85 -26.28
N GLU C 280 3.08 23.64 -26.77
CA GLU C 280 2.07 22.79 -27.39
C GLU C 280 1.12 22.24 -26.35
N TRP C 281 1.70 21.84 -25.22
CA TRP C 281 0.95 21.35 -24.07
C TRP C 281 -0.01 22.37 -23.51
N GLN C 282 0.48 23.58 -23.35
CA GLN C 282 -0.29 24.70 -22.81
C GLN C 282 -1.43 25.05 -23.73
N ALA C 283 -1.23 24.88 -25.02
CA ALA C 283 -2.26 25.17 -26.01
C ALA C 283 -3.28 24.06 -26.12
N THR C 284 -2.85 22.82 -25.85
CA THR C 284 -3.73 21.65 -25.81
C THR C 284 -4.50 21.63 -24.52
N ALA C 285 -3.92 22.26 -23.51
CA ALA C 285 -4.56 22.34 -22.21
C ALA C 285 -5.79 23.17 -22.37
N LYS C 286 -5.66 24.29 -23.08
CA LYS C 286 -6.77 25.23 -23.20
C LYS C 286 -7.84 24.68 -24.10
N GLU C 287 -7.47 23.66 -24.87
CA GLU C 287 -8.43 22.97 -25.73
C GLU C 287 -9.12 21.83 -24.98
N LEU C 288 -8.50 21.34 -23.92
CA LEU C 288 -9.24 20.55 -22.96
C LEU C 288 -9.88 21.51 -21.98
N GLY C 289 -9.55 22.79 -22.13
CA GLY C 289 -10.15 23.84 -21.34
C GLY C 289 -9.68 23.74 -19.91
N ILE C 290 -8.53 23.11 -19.72
CA ILE C 290 -8.03 22.81 -18.39
C ILE C 290 -7.69 24.09 -17.67
N ASP C 291 -8.25 24.25 -16.47
CA ASP C 291 -7.92 25.33 -15.56
C ASP C 291 -6.87 24.85 -14.60
N PHE C 292 -5.69 25.46 -14.68
CA PHE C 292 -4.62 25.16 -13.72
C PHE C 292 -4.76 26.05 -12.49
N SER C 293 -5.78 26.90 -12.50
CA SER C 293 -6.22 27.65 -11.33
C SER C 293 -5.17 28.57 -10.72
P PO4 E . -13.26 -11.38 17.01
O1 PO4 E . -14.75 -11.17 17.02
O2 PO4 E . -12.65 -10.89 18.30
O3 PO4 E . -12.73 -10.64 15.82
O4 PO4 E . -12.93 -12.85 16.88
P PO4 F . -11.19 -10.54 22.23
O1 PO4 F . -12.57 -9.95 22.38
O2 PO4 F . -11.04 -11.75 23.11
O3 PO4 F . -10.15 -9.52 22.68
O4 PO4 F . -11.01 -10.93 20.77
P PO4 G . 12.15 7.75 -20.41
O1 PO4 G . 10.89 8.34 -20.98
O2 PO4 G . 12.98 8.85 -19.83
O3 PO4 G . 12.90 7.04 -21.49
O4 PO4 G . 11.80 6.75 -19.35
P PO4 H . 12.37 12.39 -21.21
O1 PO4 H . 11.25 11.59 -20.59
O2 PO4 H . 12.78 13.49 -20.27
O3 PO4 H . 11.86 12.98 -22.49
O4 PO4 H . 13.57 11.52 -21.53
P PO4 I . 9.53 -17.01 -7.52
O1 PO4 I . 8.04 -16.90 -7.22
O2 PO4 I . 10.22 -15.72 -7.10
O3 PO4 I . 9.72 -17.26 -9.00
O4 PO4 I . 10.14 -18.15 -6.75
#